data_6Y8A
#
_entry.id   6Y8A
#
_cell.length_a   82.243
_cell.length_b   112.139
_cell.length_c   62.821
_cell.angle_alpha   90.00
_cell.angle_beta   90.00
_cell.angle_gamma   90.00
#
_symmetry.space_group_name_H-M   'C 2 2 21'
#
loop_
_entity.id
_entity.type
_entity.pdbx_description
1 polymer '14-3-3 protein sigma'
2 polymer 'Calcium/calmodulin-dependent protein kinase kinase 2'
3 non-polymer 'MAGNESIUM ION'
4 non-polymer 'CHLORIDE ION'
5 water water
#
loop_
_entity_poly.entity_id
_entity_poly.type
_entity_poly.pdbx_seq_one_letter_code
_entity_poly.pdbx_strand_id
1 'polypeptide(L)'
;GAMGSMERASLIQKAKLAEQAERYEDMAAFMKGAVEKGEELS(CSO)EERNLLSVAYKNVVGGQRAAWRVLSSIEQKSNE
EGSEEKGPEVREYREKVETELQGVCDTVLGLLDSHLIKEAGDAESRVFYLKMKGDYYRYLAEVATGDDKKRIIDSARSAY
QEAMDISKKEMPPTNPIRLGLALNFSVFHYEIANSPEEAISLAKTTFDEAMADLHTLSEDSYKDSTLIMQLLRDNLTLWT
ADNAGEEGGEAPQEPQS
;
A
2 'polypeptide(L)' RSL(SEP)APGN P
#
loop_
_chem_comp.id
_chem_comp.type
_chem_comp.name
_chem_comp.formula
CL non-polymer 'CHLORIDE ION' 'Cl -1'
MG non-polymer 'MAGNESIUM ION' 'Mg 2'
#
# COMPACT_ATOMS: atom_id res chain seq x y z
N GLY A 1 17.01 18.55 -3.80
CA GLY A 1 15.92 18.35 -2.87
C GLY A 1 15.67 19.59 -2.01
N ALA A 2 14.41 20.01 -1.94
CA ALA A 2 14.04 21.19 -1.17
C ALA A 2 14.18 20.97 0.33
N MET A 3 14.20 19.72 0.78
CA MET A 3 14.45 19.39 2.18
C MET A 3 15.92 19.15 2.48
N GLY A 4 16.80 19.36 1.50
CA GLY A 4 18.20 19.02 1.69
C GLY A 4 18.90 19.81 2.78
N SER A 5 18.39 21.01 3.10
CA SER A 5 19.01 21.84 4.12
CA SER A 5 18.99 21.86 4.12
C SER A 5 18.46 21.60 5.52
N MET A 6 17.42 20.78 5.68
CA MET A 6 16.82 20.53 6.98
C MET A 6 17.41 19.28 7.61
N GLU A 7 17.67 19.34 8.93
CA GLU A 7 18.15 18.20 9.68
C GLU A 7 17.20 17.02 9.57
N ARG A 8 17.77 15.81 9.51
CA ARG A 8 16.96 14.61 9.49
C ARG A 8 15.98 14.58 10.67
N ALA A 9 16.45 14.87 11.89
CA ALA A 9 15.57 14.79 13.04
C ALA A 9 14.44 15.83 12.95
N SER A 10 14.74 17.00 12.39
CA SER A 10 13.73 18.04 12.21
C SER A 10 12.67 17.62 11.19
N LEU A 11 13.10 16.94 10.13
CA LEU A 11 12.15 16.41 9.13
C LEU A 11 11.21 15.40 9.78
N ILE A 12 11.74 14.51 10.63
CA ILE A 12 10.91 13.52 11.29
CA ILE A 12 10.90 13.52 11.28
C ILE A 12 9.95 14.20 12.26
N GLN A 13 10.45 15.15 13.05
CA GLN A 13 9.60 15.92 13.95
C GLN A 13 8.47 16.60 13.19
N LYS A 14 8.80 17.23 12.06
CA LYS A 14 7.77 17.93 11.30
C LYS A 14 6.81 16.97 10.62
N ALA A 15 7.27 15.78 10.20
CA ALA A 15 6.34 14.78 9.70
C ALA A 15 5.29 14.43 10.75
N LYS A 16 5.71 14.29 12.00
CA LYS A 16 4.77 13.97 13.05
C LYS A 16 3.78 15.11 13.30
N LEU A 17 4.26 16.35 13.26
CA LEU A 17 3.37 17.51 13.36
C LEU A 17 2.38 17.55 12.21
N ALA A 18 2.87 17.29 10.99
CA ALA A 18 2.00 17.30 9.82
C ALA A 18 0.92 16.24 9.92
N GLU A 19 1.26 15.05 10.45
CA GLU A 19 0.24 14.04 10.68
C GLU A 19 -0.83 14.55 11.63
N GLN A 20 -0.42 15.19 12.73
CA GLN A 20 -1.38 15.72 13.69
C GLN A 20 -2.30 16.75 13.05
N ALA A 21 -1.77 17.53 12.12
CA ALA A 21 -2.51 18.57 11.42
C ALA A 21 -3.22 18.06 10.17
N GLU A 22 -3.15 16.75 9.90
CA GLU A 22 -3.74 16.14 8.71
CA GLU A 22 -3.75 16.15 8.71
C GLU A 22 -3.25 16.82 7.43
N ARG A 23 -1.97 17.17 7.42
CA ARG A 23 -1.32 17.78 6.27
C ARG A 23 -0.45 16.71 5.61
N TYR A 24 -1.09 15.80 4.89
CA TYR A 24 -0.39 14.60 4.46
C TYR A 24 0.57 14.84 3.31
N GLU A 25 0.28 15.81 2.44
CA GLU A 25 1.25 16.16 1.40
CA GLU A 25 1.24 16.17 1.40
C GLU A 25 2.52 16.68 2.03
N ASP A 26 2.42 17.58 3.02
CA ASP A 26 3.60 18.01 3.76
C ASP A 26 4.29 16.84 4.42
N MET A 27 3.52 15.99 5.09
CA MET A 27 4.08 14.81 5.77
C MET A 27 4.91 13.97 4.82
N ALA A 28 4.39 13.72 3.61
CA ALA A 28 5.11 12.92 2.63
C ALA A 28 6.38 13.62 2.17
N ALA A 29 6.31 14.93 1.94
CA ALA A 29 7.52 15.66 1.56
C ALA A 29 8.58 15.60 2.65
N PHE A 30 8.18 15.73 3.92
CA PHE A 30 9.15 15.64 5.00
C PHE A 30 9.78 14.25 5.05
N MET A 31 8.95 13.21 4.90
CA MET A 31 9.50 11.85 4.97
C MET A 31 10.34 11.51 3.76
N LYS A 32 9.98 12.01 2.57
CA LYS A 32 10.87 11.88 1.42
C LYS A 32 12.23 12.52 1.71
N GLY A 33 12.22 13.73 2.27
CA GLY A 33 13.48 14.37 2.64
C GLY A 33 14.28 13.55 3.64
N ALA A 34 13.60 12.95 4.62
CA ALA A 34 14.30 12.10 5.58
C ALA A 34 14.91 10.86 4.91
N VAL A 35 14.16 10.20 4.03
CA VAL A 35 14.72 9.05 3.29
C VAL A 35 15.96 9.48 2.52
N GLU A 36 15.90 10.64 1.88
CA GLU A 36 17.00 11.07 1.03
C GLU A 36 18.25 11.46 1.81
N LYS A 37 18.18 11.51 3.15
CA LYS A 37 19.40 11.66 3.93
C LYS A 37 20.30 10.44 3.80
N GLY A 38 19.75 9.29 3.38
CA GLY A 38 20.57 8.14 3.05
C GLY A 38 20.69 7.13 4.16
N GLU A 39 20.22 7.42 5.36
CA GLU A 39 20.26 6.46 6.45
C GLU A 39 19.03 5.56 6.41
N GLU A 40 19.18 4.37 6.96
CA GLU A 40 18.03 3.49 7.10
C GLU A 40 16.98 4.12 8.02
N LEU A 41 15.74 3.64 7.88
CA LEU A 41 14.62 4.11 8.68
CA LEU A 41 14.61 4.10 8.68
C LEU A 41 14.33 3.13 9.82
N SER A 42 14.03 3.69 10.98
CA SER A 42 13.55 2.89 12.11
C SER A 42 12.13 2.40 11.85
N CSO A 43 11.63 1.54 12.73
CA CSO A 43 10.27 1.05 12.60
CB CSO A 43 10.00 0.08 13.76
SG CSO A 43 8.32 -0.53 13.73
C CSO A 43 9.25 2.21 12.58
O CSO A 43 8.37 2.30 11.70
OD CSO A 43 7.28 0.54 14.70
N GLU A 44 9.39 3.12 13.54
CA GLU A 44 8.48 4.26 13.62
C GLU A 44 8.58 5.13 12.36
N GLU A 45 9.80 5.34 11.87
CA GLU A 45 9.97 6.17 10.68
C GLU A 45 9.39 5.50 9.43
N ARG A 46 9.54 4.18 9.30
CA ARG A 46 8.89 3.49 8.19
C ARG A 46 7.39 3.69 8.23
N ASN A 47 6.80 3.60 9.42
CA ASN A 47 5.36 3.79 9.49
CA ASN A 47 5.36 3.81 9.56
C ASN A 47 4.98 5.22 9.14
N LEU A 48 5.80 6.22 9.50
CA LEU A 48 5.50 7.59 9.09
C LEU A 48 5.52 7.74 7.58
N LEU A 49 6.53 7.17 6.94
CA LEU A 49 6.60 7.19 5.48
C LEU A 49 5.36 6.56 4.86
N SER A 50 4.96 5.39 5.38
CA SER A 50 3.81 4.67 4.84
C SER A 50 2.51 5.44 5.03
N VAL A 51 2.29 5.95 6.24
CA VAL A 51 1.07 6.73 6.53
C VAL A 51 0.98 7.93 5.60
N ALA A 52 2.09 8.64 5.41
CA ALA A 52 2.04 9.86 4.61
C ALA A 52 1.61 9.56 3.19
N TYR A 53 2.31 8.63 2.53
CA TYR A 53 2.00 8.37 1.13
C TYR A 53 0.67 7.63 0.97
N LYS A 54 0.29 6.82 1.96
CA LYS A 54 -1.02 6.16 1.89
C LYS A 54 -2.14 7.18 1.83
N ASN A 55 -2.04 8.23 2.64
CA ASN A 55 -3.08 9.25 2.66
C ASN A 55 -3.06 10.09 1.39
N VAL A 56 -1.87 10.44 0.90
CA VAL A 56 -1.80 11.20 -0.35
C VAL A 56 -2.40 10.41 -1.49
N VAL A 57 -1.92 9.17 -1.71
CA VAL A 57 -2.41 8.41 -2.84
CA VAL A 57 -2.42 8.39 -2.84
C VAL A 57 -3.86 7.99 -2.60
N GLY A 58 -4.27 7.85 -1.34
CA GLY A 58 -5.65 7.49 -1.06
C GLY A 58 -6.61 8.56 -1.54
N GLY A 59 -6.26 9.82 -1.34
CA GLY A 59 -7.11 10.88 -1.85
C GLY A 59 -7.12 10.92 -3.37
N GLN A 60 -5.97 10.67 -3.98
CA GLN A 60 -5.92 10.65 -5.45
C GLN A 60 -6.76 9.51 -6.01
N ARG A 61 -6.67 8.32 -5.39
CA ARG A 61 -7.43 7.17 -5.85
C ARG A 61 -8.92 7.43 -5.74
N ALA A 62 -9.36 8.01 -4.62
CA ALA A 62 -10.77 8.32 -4.47
C ALA A 62 -11.23 9.30 -5.53
N ALA A 63 -10.42 10.33 -5.80
CA ALA A 63 -10.78 11.31 -6.82
C ALA A 63 -10.81 10.67 -8.20
N TRP A 64 -9.82 9.84 -8.50
CA TRP A 64 -9.76 9.18 -9.80
C TRP A 64 -10.99 8.31 -10.02
N ARG A 65 -11.44 7.63 -8.96
CA ARG A 65 -12.62 6.76 -9.11
C ARG A 65 -13.87 7.57 -9.39
N VAL A 66 -14.02 8.72 -8.72
CA VAL A 66 -15.17 9.59 -8.99
C VAL A 66 -15.16 10.04 -10.45
N LEU A 67 -14.00 10.50 -10.92
CA LEU A 67 -13.89 11.02 -12.28
C LEU A 67 -14.02 9.91 -13.32
N SER A 68 -13.45 8.73 -13.04
CA SER A 68 -13.59 7.62 -13.97
CA SER A 68 -13.59 7.61 -13.96
C SER A 68 -15.05 7.19 -14.10
N SER A 69 -15.80 7.24 -13.00
CA SER A 69 -17.22 6.87 -13.04
C SER A 69 -18.01 7.87 -13.87
N ILE A 70 -17.73 9.16 -13.70
CA ILE A 70 -18.40 10.17 -14.51
C ILE A 70 -18.06 9.97 -15.98
N GLU A 71 -16.80 9.67 -16.27
CA GLU A 71 -16.36 9.48 -17.65
C GLU A 71 -17.04 8.27 -18.27
N GLN A 72 -17.17 7.19 -17.52
CA GLN A 72 -17.81 5.98 -18.05
C GLN A 72 -19.28 6.23 -18.34
N LYS A 73 -19.95 7.00 -17.49
CA LYS A 73 -21.35 7.34 -17.75
C LYS A 73 -21.47 8.23 -18.98
N SER A 74 -20.50 9.12 -19.20
CA SER A 74 -20.54 9.97 -20.39
C SER A 74 -20.38 9.17 -21.66
N ASN A 75 -19.82 7.96 -21.59
CA ASN A 75 -19.60 7.12 -22.75
C ASN A 75 -20.68 6.05 -22.90
N GLU A 76 -21.74 6.11 -22.09
CA GLU A 76 -22.87 5.20 -22.26
C GLU A 76 -23.78 5.69 -23.38
N GLU A 77 -24.54 4.76 -23.94
CA GLU A 77 -25.44 5.09 -25.04
C GLU A 77 -26.50 6.10 -24.57
N GLY A 78 -26.71 7.13 -25.38
CA GLY A 78 -27.70 8.15 -25.09
C GLY A 78 -27.18 9.34 -24.32
N SER A 79 -25.91 9.35 -23.95
CA SER A 79 -25.33 10.48 -23.23
C SER A 79 -24.95 11.59 -24.20
N GLU A 80 -25.32 12.82 -23.86
CA GLU A 80 -24.94 13.97 -24.68
C GLU A 80 -23.45 14.25 -24.50
N GLU A 81 -22.76 14.42 -25.62
CA GLU A 81 -21.32 14.65 -25.59
C GLU A 81 -21.01 15.96 -24.89
N LYS A 82 -20.13 15.91 -23.90
CA LYS A 82 -19.79 17.07 -23.09
C LYS A 82 -18.43 17.67 -23.45
N GLY A 83 -17.78 17.15 -24.48
CA GLY A 83 -16.46 17.60 -24.86
C GLY A 83 -15.39 16.82 -24.15
N PRO A 84 -14.13 17.27 -24.26
CA PRO A 84 -13.00 16.50 -23.73
C PRO A 84 -12.71 16.71 -22.25
N GLU A 85 -13.50 17.51 -21.54
CA GLU A 85 -13.08 18.00 -20.23
C GLU A 85 -13.02 16.89 -19.18
N VAL A 86 -13.99 15.98 -19.17
CA VAL A 86 -13.98 14.90 -18.18
C VAL A 86 -12.75 14.04 -18.37
N ARG A 87 -12.48 13.62 -19.61
CA ARG A 87 -11.28 12.82 -19.88
C ARG A 87 -10.02 13.58 -19.50
N GLU A 88 -9.91 14.85 -19.92
CA GLU A 88 -8.72 15.62 -19.61
C GLU A 88 -8.48 15.70 -18.11
N TYR A 89 -9.54 15.93 -17.33
CA TYR A 89 -9.34 16.12 -15.91
C TYR A 89 -9.07 14.79 -15.21
N ARG A 90 -9.74 13.71 -15.65
CA ARG A 90 -9.38 12.38 -15.16
C ARG A 90 -7.93 12.06 -15.48
N GLU A 91 -7.46 12.43 -16.68
CA GLU A 91 -6.07 12.20 -17.04
C GLU A 91 -5.12 13.02 -16.17
N LYS A 92 -5.50 14.25 -15.83
CA LYS A 92 -4.68 15.07 -14.95
C LYS A 92 -4.49 14.40 -13.60
N VAL A 93 -5.59 14.01 -12.97
CA VAL A 93 -5.52 13.34 -11.67
C VAL A 93 -4.74 12.04 -11.78
N GLU A 94 -5.00 11.27 -12.85
CA GLU A 94 -4.29 10.01 -13.07
C GLU A 94 -2.78 10.21 -13.16
N THR A 95 -2.35 11.23 -13.91
CA THR A 95 -0.92 11.50 -14.05
CA THR A 95 -0.92 11.49 -14.04
C THR A 95 -0.31 11.88 -12.70
N GLU A 96 -1.03 12.67 -11.90
CA GLU A 96 -0.51 13.03 -10.59
CA GLU A 96 -0.54 13.04 -10.58
C GLU A 96 -0.40 11.81 -9.69
N LEU A 97 -1.42 10.95 -9.72
CA LEU A 97 -1.38 9.70 -8.96
CA LEU A 97 -1.38 9.69 -8.97
C LEU A 97 -0.18 8.85 -9.38
N GLN A 98 0.01 8.68 -10.69
CA GLN A 98 1.15 7.91 -11.18
C GLN A 98 2.46 8.53 -10.73
N GLY A 99 2.51 9.85 -10.66
CA GLY A 99 3.73 10.51 -10.20
C GLY A 99 4.05 10.20 -8.76
N VAL A 100 3.02 10.19 -7.90
CA VAL A 100 3.24 9.85 -6.49
C VAL A 100 3.70 8.39 -6.39
N CYS A 101 3.06 7.48 -7.12
CA CYS A 101 3.48 6.09 -7.06
C CYS A 101 4.93 5.95 -7.51
N ASP A 102 5.30 6.61 -8.61
CA ASP A 102 6.68 6.56 -9.08
C ASP A 102 7.64 7.13 -8.06
N THR A 103 7.25 8.19 -7.37
CA THR A 103 8.10 8.75 -6.32
C THR A 103 8.36 7.73 -5.22
N VAL A 104 7.30 7.08 -4.74
CA VAL A 104 7.46 6.07 -3.68
C VAL A 104 8.32 4.92 -4.18
N LEU A 105 8.02 4.41 -5.37
CA LEU A 105 8.81 3.31 -5.92
C LEU A 105 10.26 3.71 -6.08
N GLY A 106 10.50 4.98 -6.43
CA GLY A 106 11.88 5.44 -6.56
C GLY A 106 12.62 5.46 -5.23
N LEU A 107 11.92 5.85 -4.15
CA LEU A 107 12.55 5.82 -2.83
C LEU A 107 12.88 4.40 -2.42
N LEU A 108 11.95 3.47 -2.69
CA LEU A 108 12.20 2.08 -2.34
C LEU A 108 13.39 1.54 -3.12
N ASP A 109 13.53 1.96 -4.37
CA ASP A 109 14.62 1.49 -5.22
C ASP A 109 15.94 2.22 -4.96
N SER A 110 15.92 3.36 -4.25
CA SER A 110 17.11 4.22 -4.10
C SER A 110 17.10 4.84 -2.69
N HIS A 111 17.45 4.07 -1.66
CA HIS A 111 17.97 2.69 -1.74
C HIS A 111 17.42 1.88 -0.59
N LEU A 112 16.14 2.07 -0.27
CA LEU A 112 15.60 1.50 0.97
C LEU A 112 15.62 -0.03 0.93
N ILE A 113 15.17 -0.64 -0.16
CA ILE A 113 15.07 -2.10 -0.19
C ILE A 113 16.46 -2.71 -0.13
N LYS A 114 17.40 -2.19 -0.92
CA LYS A 114 18.70 -2.86 -1.00
C LYS A 114 19.45 -2.82 0.33
N GLU A 115 19.20 -1.82 1.17
CA GLU A 115 19.86 -1.75 2.47
C GLU A 115 19.09 -2.45 3.58
N ALA A 116 17.89 -2.95 3.28
CA ALA A 116 17.02 -3.55 4.30
C ALA A 116 17.39 -5.02 4.47
N GLY A 117 18.00 -5.35 5.60
CA GLY A 117 18.43 -6.72 5.83
C GLY A 117 17.57 -7.47 6.82
N ASP A 118 16.97 -6.77 7.77
CA ASP A 118 16.11 -7.44 8.73
C ASP A 118 14.77 -7.75 8.09
N ALA A 119 14.15 -8.85 8.53
CA ALA A 119 12.88 -9.26 7.96
C ALA A 119 11.81 -8.18 8.08
N GLU A 120 11.76 -7.50 9.22
CA GLU A 120 10.71 -6.52 9.47
C GLU A 120 10.83 -5.34 8.50
N SER A 121 12.05 -4.93 8.19
CA SER A 121 12.18 -3.82 7.25
C SER A 121 12.01 -4.27 5.81
N ARG A 122 12.65 -5.39 5.44
CA ARG A 122 12.59 -5.85 4.06
C ARG A 122 11.17 -6.21 3.64
N VAL A 123 10.43 -6.94 4.50
CA VAL A 123 9.03 -7.26 4.18
C VAL A 123 8.20 -5.99 4.08
N PHE A 124 8.38 -5.05 5.01
CA PHE A 124 7.64 -3.78 4.95
C PHE A 124 7.83 -3.09 3.59
N TYR A 125 9.08 -2.97 3.15
CA TYR A 125 9.35 -2.23 1.92
C TYR A 125 8.87 -2.99 0.70
N LEU A 126 9.02 -4.32 0.69
CA LEU A 126 8.55 -5.09 -0.46
C LEU A 126 7.02 -5.07 -0.55
N LYS A 127 6.34 -5.11 0.60
CA LYS A 127 4.88 -4.91 0.61
C LYS A 127 4.53 -3.55 0.02
N MET A 128 5.25 -2.50 0.44
CA MET A 128 5.00 -1.17 -0.13
CA MET A 128 5.00 -1.17 -0.13
C MET A 128 5.21 -1.17 -1.64
N LYS A 129 6.26 -1.85 -2.11
CA LYS A 129 6.50 -1.91 -3.55
C LYS A 129 5.32 -2.58 -4.26
N GLY A 130 4.84 -3.70 -3.72
CA GLY A 130 3.63 -4.32 -4.27
C GLY A 130 2.43 -3.39 -4.26
N ASP A 131 2.25 -2.65 -3.14
CA ASP A 131 1.10 -1.77 -3.00
C ASP A 131 1.12 -0.67 -4.06
N TYR A 132 2.29 -0.04 -4.26
CA TYR A 132 2.27 1.10 -5.19
C TYR A 132 2.26 0.64 -6.64
N TYR A 133 2.79 -0.55 -6.96
CA TYR A 133 2.49 -1.09 -8.27
C TYR A 133 1.03 -1.47 -8.40
N ARG A 134 0.40 -1.94 -7.31
CA ARG A 134 -1.04 -2.23 -7.39
C ARG A 134 -1.83 -0.95 -7.68
N TYR A 135 -1.46 0.19 -7.05
CA TYR A 135 -2.18 1.42 -7.35
C TYR A 135 -1.94 1.86 -8.79
N LEU A 136 -0.73 1.68 -9.31
CA LEU A 136 -0.51 1.90 -10.73
C LEU A 136 -1.39 0.97 -11.57
N ALA A 137 -1.55 -0.28 -11.14
CA ALA A 137 -2.36 -1.22 -11.92
C ALA A 137 -3.82 -0.82 -11.95
N GLU A 138 -4.31 -0.17 -10.88
CA GLU A 138 -5.72 0.22 -10.81
C GLU A 138 -6.10 1.15 -11.96
N VAL A 139 -5.16 1.93 -12.47
CA VAL A 139 -5.42 2.92 -13.52
C VAL A 139 -4.79 2.55 -14.84
N ALA A 140 -4.07 1.44 -14.91
CA ALA A 140 -3.34 1.07 -16.13
C ALA A 140 -4.29 0.47 -17.15
N THR A 141 -4.04 0.77 -18.43
CA THR A 141 -4.90 0.30 -19.51
C THR A 141 -4.16 -0.10 -20.78
N GLY A 142 -2.89 0.24 -20.96
CA GLY A 142 -2.17 -0.07 -22.18
C GLY A 142 -1.63 -1.48 -22.21
N ASP A 143 -0.60 -1.67 -23.05
CA ASP A 143 0.23 -2.87 -22.95
C ASP A 143 1.11 -2.81 -21.71
N ASP A 144 1.02 -1.65 -21.04
CA ASP A 144 1.58 -1.39 -19.73
C ASP A 144 1.00 -2.29 -18.64
N LYS A 145 -0.31 -2.57 -18.67
CA LYS A 145 -0.98 -3.12 -17.49
C LYS A 145 -0.42 -4.49 -17.09
N LYS A 146 -0.15 -5.36 -18.08
CA LYS A 146 0.32 -6.69 -17.72
C LYS A 146 1.66 -6.64 -17.01
N ARG A 147 2.56 -5.75 -17.44
CA ARG A 147 3.87 -5.69 -16.81
C ARG A 147 3.78 -5.06 -15.41
N ILE A 148 2.91 -4.06 -15.24
CA ILE A 148 2.71 -3.48 -13.92
C ILE A 148 2.15 -4.51 -12.95
N ILE A 149 1.18 -5.31 -13.42
CA ILE A 149 0.60 -6.37 -12.60
C ILE A 149 1.67 -7.37 -12.18
N ASP A 150 2.53 -7.77 -13.12
CA ASP A 150 3.56 -8.74 -12.75
CA ASP A 150 3.60 -8.72 -12.79
C ASP A 150 4.57 -8.13 -11.78
N SER A 151 4.84 -6.83 -11.88
CA SER A 151 5.73 -6.18 -10.92
C SER A 151 5.13 -6.19 -9.52
N ALA A 152 3.83 -5.88 -9.41
CA ALA A 152 3.16 -5.98 -8.12
C ALA A 152 3.22 -7.41 -7.58
N ARG A 153 2.88 -8.39 -8.42
N ARG A 153 2.87 -8.38 -8.42
CA ARG A 153 2.88 -9.79 -7.99
CA ARG A 153 2.89 -9.78 -7.99
C ARG A 153 4.26 -10.19 -7.50
C ARG A 153 4.26 -10.19 -7.50
N SER A 154 5.31 -9.80 -8.23
CA SER A 154 6.67 -10.21 -7.89
CA SER A 154 6.66 -10.22 -7.87
C SER A 154 7.09 -9.64 -6.53
N ALA A 155 6.76 -8.38 -6.27
CA ALA A 155 7.13 -7.78 -5.00
C ALA A 155 6.39 -8.45 -3.85
N TYR A 156 5.07 -8.63 -4.00
CA TYR A 156 4.29 -9.29 -2.98
C TYR A 156 4.80 -10.71 -2.72
N GLN A 157 5.15 -11.43 -3.80
CA GLN A 157 5.58 -12.81 -3.63
C GLN A 157 6.89 -12.89 -2.87
N GLU A 158 7.86 -12.02 -3.20
CA GLU A 158 9.11 -12.02 -2.44
C GLU A 158 8.86 -11.67 -0.97
N ALA A 159 8.00 -10.69 -0.71
CA ALA A 159 7.67 -10.35 0.66
C ALA A 159 7.02 -11.52 1.40
N MET A 160 6.11 -12.23 0.72
CA MET A 160 5.45 -13.38 1.32
C MET A 160 6.46 -14.45 1.67
N ASP A 161 7.39 -14.72 0.75
CA ASP A 161 8.36 -15.80 1.00
C ASP A 161 9.20 -15.49 2.24
N ILE A 162 9.67 -14.24 2.36
CA ILE A 162 10.45 -13.86 3.53
C ILE A 162 9.60 -13.93 4.79
N SER A 163 8.37 -13.41 4.72
CA SER A 163 7.53 -13.33 5.91
CA SER A 163 7.53 -13.33 5.91
C SER A 163 7.18 -14.71 6.44
N LYS A 164 6.98 -15.67 5.55
CA LYS A 164 6.63 -17.02 6.01
C LYS A 164 7.83 -17.71 6.65
N LYS A 165 9.04 -17.38 6.22
CA LYS A 165 10.24 -17.98 6.81
C LYS A 165 10.66 -17.28 8.09
N GLU A 166 10.41 -15.98 8.23
CA GLU A 166 11.07 -15.18 9.26
C GLU A 166 10.14 -14.57 10.31
N MET A 167 8.83 -14.58 10.12
CA MET A 167 7.90 -13.96 11.04
CA MET A 167 7.88 -13.95 11.02
C MET A 167 6.83 -14.94 11.48
N PRO A 168 6.31 -14.77 12.70
CA PRO A 168 5.18 -15.60 13.11
C PRO A 168 3.94 -15.21 12.33
N PRO A 169 2.97 -16.12 12.23
CA PRO A 169 1.78 -15.86 11.41
C PRO A 169 0.90 -14.76 11.94
N THR A 170 1.12 -14.29 13.16
CA THR A 170 0.37 -13.16 13.72
C THR A 170 1.06 -11.83 13.56
N ASN A 171 2.28 -11.80 13.03
CA ASN A 171 3.00 -10.55 12.91
CA ASN A 171 3.00 -10.55 12.91
C ASN A 171 2.17 -9.56 12.09
N PRO A 172 1.92 -8.35 12.58
CA PRO A 172 1.03 -7.42 11.85
CA PRO A 172 1.03 -7.42 11.85
C PRO A 172 1.52 -7.06 10.45
N ILE A 173 2.83 -6.97 10.23
CA ILE A 173 3.33 -6.72 8.88
C ILE A 173 3.00 -7.89 7.98
N ARG A 174 3.26 -9.11 8.46
CA ARG A 174 2.91 -10.30 7.68
C ARG A 174 1.42 -10.35 7.38
N LEU A 175 0.60 -10.02 8.37
CA LEU A 175 -0.85 -10.05 8.18
C LEU A 175 -1.29 -8.99 7.16
N GLY A 176 -0.79 -7.76 7.30
CA GLY A 176 -1.17 -6.72 6.36
C GLY A 176 -0.69 -7.02 4.94
N LEU A 177 0.48 -7.63 4.82
CA LEU A 177 0.97 -8.08 3.51
C LEU A 177 0.02 -9.09 2.90
N ALA A 178 -0.31 -10.14 3.65
CA ALA A 178 -1.22 -11.16 3.12
C ALA A 178 -2.57 -10.58 2.76
N LEU A 179 -3.10 -9.69 3.61
CA LEU A 179 -4.33 -8.98 3.28
C LEU A 179 -4.21 -8.28 1.93
N ASN A 180 -3.15 -7.48 1.76
CA ASN A 180 -3.04 -6.70 0.53
C ASN A 180 -2.77 -7.58 -0.69
N PHE A 181 -2.04 -8.68 -0.52
CA PHE A 181 -1.85 -9.61 -1.64
C PHE A 181 -3.17 -10.27 -2.01
N SER A 182 -4.02 -10.57 -1.02
CA SER A 182 -5.34 -11.11 -1.32
CA SER A 182 -5.33 -11.12 -1.34
C SER A 182 -6.18 -10.11 -2.09
N VAL A 183 -6.06 -8.81 -1.74
CA VAL A 183 -6.78 -7.78 -2.49
C VAL A 183 -6.26 -7.68 -3.91
N PHE A 184 -4.93 -7.75 -4.08
CA PHE A 184 -4.34 -7.84 -5.41
C PHE A 184 -4.97 -8.97 -6.23
N HIS A 185 -5.07 -10.16 -5.64
CA HIS A 185 -5.64 -11.29 -6.37
C HIS A 185 -7.08 -11.02 -6.76
N TYR A 186 -7.87 -10.46 -5.84
CA TYR A 186 -9.30 -10.30 -6.09
C TYR A 186 -9.57 -9.14 -7.06
N GLU A 187 -8.92 -8.01 -6.85
CA GLU A 187 -9.28 -6.77 -7.54
C GLU A 187 -8.44 -6.51 -8.79
N ILE A 188 -7.22 -7.01 -8.86
CA ILE A 188 -6.29 -6.72 -9.94
C ILE A 188 -6.08 -7.93 -10.86
N ALA A 189 -5.80 -9.09 -10.27
CA ALA A 189 -5.34 -10.25 -11.04
C ALA A 189 -6.48 -11.16 -11.49
N ASN A 190 -7.73 -10.81 -11.24
CA ASN A 190 -8.87 -11.62 -11.66
C ASN A 190 -8.75 -13.04 -11.14
N SER A 191 -8.31 -13.16 -9.89
CA SER A 191 -8.10 -14.47 -9.25
CA SER A 191 -8.10 -14.47 -9.25
C SER A 191 -8.83 -14.51 -7.92
N PRO A 192 -10.17 -14.42 -7.93
CA PRO A 192 -10.91 -14.42 -6.65
C PRO A 192 -10.71 -15.68 -5.83
N GLU A 193 -10.54 -16.83 -6.47
CA GLU A 193 -10.34 -18.05 -5.67
C GLU A 193 -9.01 -18.01 -4.94
N GLU A 194 -7.96 -17.49 -5.58
CA GLU A 194 -6.67 -17.34 -4.90
C GLU A 194 -6.78 -16.35 -3.76
N ALA A 195 -7.52 -15.25 -3.97
CA ALA A 195 -7.75 -14.28 -2.91
C ALA A 195 -8.42 -14.91 -1.70
N ILE A 196 -9.49 -15.68 -1.93
CA ILE A 196 -10.24 -16.31 -0.84
C ILE A 196 -9.36 -17.35 -0.14
N SER A 197 -8.62 -18.15 -0.90
CA SER A 197 -7.77 -19.16 -0.29
CA SER A 197 -7.77 -19.16 -0.29
C SER A 197 -6.68 -18.52 0.58
N LEU A 198 -6.05 -17.47 0.07
CA LEU A 198 -5.02 -16.81 0.86
CA LEU A 198 -5.02 -16.80 0.85
C LEU A 198 -5.58 -16.16 2.12
N ALA A 199 -6.73 -15.49 2.00
CA ALA A 199 -7.32 -14.86 3.18
C ALA A 199 -7.68 -15.89 4.23
N LYS A 200 -8.27 -17.03 3.81
CA LYS A 200 -8.66 -18.08 4.75
C LYS A 200 -7.45 -18.67 5.44
N THR A 201 -6.45 -19.11 4.68
CA THR A 201 -5.27 -19.72 5.28
CA THR A 201 -5.28 -19.72 5.30
C THR A 201 -4.56 -18.74 6.21
N THR A 202 -4.45 -17.48 5.80
CA THR A 202 -3.82 -16.47 6.64
C THR A 202 -4.57 -16.32 7.96
N PHE A 203 -5.91 -16.19 7.87
CA PHE A 203 -6.71 -16.04 9.08
C PHE A 203 -6.56 -17.24 10.01
N ASP A 204 -6.63 -18.45 9.47
CA ASP A 204 -6.61 -19.65 10.30
C ASP A 204 -5.24 -19.84 10.95
N GLU A 205 -4.16 -19.56 10.23
CA GLU A 205 -2.83 -19.72 10.83
C GLU A 205 -2.59 -18.66 11.91
N ALA A 206 -3.13 -17.46 11.73
CA ALA A 206 -3.01 -16.46 12.79
C ALA A 206 -3.83 -16.85 14.01
N MET A 207 -5.06 -17.32 13.79
CA MET A 207 -5.89 -17.74 14.91
CA MET A 207 -5.91 -17.78 14.90
C MET A 207 -5.15 -18.73 15.82
N ALA A 208 -4.47 -19.70 15.21
CA ALA A 208 -3.78 -20.73 15.95
C ALA A 208 -2.54 -20.23 16.68
N ASP A 209 -2.09 -19.01 16.41
CA ASP A 209 -0.91 -18.44 17.04
C ASP A 209 -1.28 -17.35 18.05
N LEU A 210 -2.55 -16.97 18.15
CA LEU A 210 -2.93 -15.90 19.07
C LEU A 210 -2.57 -16.22 20.52
N HIS A 211 -2.57 -17.50 20.90
CA HIS A 211 -2.32 -17.85 22.30
C HIS A 211 -0.94 -17.44 22.77
N THR A 212 0.00 -17.17 21.85
CA THR A 212 1.36 -16.80 22.22
C THR A 212 1.52 -15.33 22.54
N LEU A 213 0.48 -14.52 22.32
CA LEU A 213 0.60 -13.08 22.29
C LEU A 213 0.18 -12.44 23.60
N SER A 214 0.80 -11.30 23.89
CA SER A 214 0.34 -10.42 24.96
C SER A 214 -0.98 -9.78 24.57
N GLU A 215 -1.62 -9.12 25.55
CA GLU A 215 -2.88 -8.44 25.29
C GLU A 215 -2.72 -7.40 24.18
N ASP A 216 -1.64 -6.60 24.22
CA ASP A 216 -1.47 -5.55 23.23
C ASP A 216 -1.19 -6.12 21.84
N SER A 217 -0.33 -7.16 21.76
CA SER A 217 -0.07 -7.81 20.48
C SER A 217 -1.32 -8.49 19.95
N TYR A 218 -2.09 -9.11 20.83
CA TYR A 218 -3.36 -9.71 20.44
CA TYR A 218 -3.36 -9.71 20.44
C TYR A 218 -4.28 -8.68 19.77
N LYS A 219 -4.36 -7.48 20.34
CA LYS A 219 -5.21 -6.45 19.75
CA LYS A 219 -5.21 -6.45 19.75
C LYS A 219 -4.71 -6.04 18.38
N ASP A 220 -3.39 -5.88 18.22
CA ASP A 220 -2.81 -5.51 16.92
C ASP A 220 -3.11 -6.56 15.87
N SER A 221 -2.93 -7.85 16.20
CA SER A 221 -3.13 -8.91 15.22
C SER A 221 -4.60 -9.09 14.87
N THR A 222 -5.48 -9.09 15.87
CA THR A 222 -6.89 -9.34 15.59
C THR A 222 -7.52 -8.21 14.77
N LEU A 223 -7.01 -6.98 14.91
CA LEU A 223 -7.51 -5.89 14.07
C LEU A 223 -7.38 -6.23 12.58
N ILE A 224 -6.22 -6.73 12.19
CA ILE A 224 -6.03 -7.04 10.77
C ILE A 224 -6.73 -8.34 10.40
N MET A 225 -6.80 -9.30 11.32
CA MET A 225 -7.56 -10.51 11.05
C MET A 225 -9.01 -10.20 10.73
N GLN A 226 -9.58 -9.21 11.42
CA GLN A 226 -10.96 -8.83 11.17
C GLN A 226 -11.14 -8.30 9.76
N LEU A 227 -10.13 -7.62 9.20
CA LEU A 227 -10.22 -7.17 7.82
C LEU A 227 -10.21 -8.35 6.85
N LEU A 228 -9.40 -9.38 7.12
CA LEU A 228 -9.44 -10.59 6.33
C LEU A 228 -10.84 -11.21 6.36
N ARG A 229 -11.44 -11.29 7.56
CA ARG A 229 -12.79 -11.83 7.68
C ARG A 229 -13.81 -10.96 6.97
N ASP A 230 -13.66 -9.64 7.08
CA ASP A 230 -14.59 -8.73 6.41
C ASP A 230 -14.57 -8.93 4.90
N ASN A 231 -13.36 -9.10 4.33
CA ASN A 231 -13.25 -9.36 2.90
C ASN A 231 -13.84 -10.71 2.54
N LEU A 232 -13.56 -11.74 3.34
CA LEU A 232 -14.14 -13.05 3.06
C LEU A 232 -15.67 -12.99 3.05
N THR A 233 -16.25 -12.17 3.93
CA THR A 233 -17.70 -12.00 3.93
C THR A 233 -18.19 -11.31 2.66
N LEU A 234 -17.42 -10.34 2.16
CA LEU A 234 -17.80 -9.68 0.90
C LEU A 234 -17.59 -10.61 -0.29
N TRP A 235 -16.58 -11.48 -0.24
CA TRP A 235 -16.19 -12.29 -1.39
C TRP A 235 -16.92 -13.62 -1.48
N THR A 236 -17.54 -14.07 -0.40
CA THR A 236 -18.22 -15.36 -0.39
C THR A 236 -19.68 -15.18 -0.02
N ARG B 1 -15.87 -2.24 -2.60
CA ARG B 1 -14.47 -2.58 -2.86
C ARG B 1 -13.85 -3.26 -1.65
N SER B 2 -12.80 -4.04 -1.89
CA SER B 2 -12.14 -4.79 -0.82
C SER B 2 -11.38 -3.88 0.13
N LEU B 3 -11.23 -4.34 1.36
CA LEU B 3 -10.48 -3.61 2.38
C LEU B 3 -9.01 -3.96 2.33
N SEP B 4 -8.15 -2.95 2.37
CA SEP B 4 -6.72 -3.22 2.42
CB SEP B 4 -6.00 -2.55 1.22
OG SEP B 4 -6.21 -1.15 1.26
C SEP B 4 -6.17 -2.76 3.76
O SEP B 4 -6.90 -2.24 4.60
P SEP B 4 -5.57 -0.36 0.02
O1P SEP B 4 -5.90 1.16 0.37
O2P SEP B 4 -3.99 -0.59 -0.01
O3P SEP B 4 -6.27 -0.83 -1.29
N ALA B 5 -4.87 -2.97 3.97
CA ALA B 5 -4.28 -2.75 5.28
C ALA B 5 -4.26 -1.28 5.65
N PRO B 6 -4.63 -0.97 6.88
CA PRO B 6 -4.55 0.43 7.36
C PRO B 6 -3.18 0.79 7.90
N GLY B 7 -2.99 2.05 8.26
CA GLY B 7 -1.74 2.49 8.85
C GLY B 7 -1.47 1.92 10.23
MG MG C . -13.10 -21.86 -6.45
MG MG D . -3.18 8.17 -18.85
MG MG E . 22.64 16.39 10.20
CL CL F . -7.49 19.39 -16.71
#